data_3HTO
#
_entry.id   3HTO
#
_cell.length_a   198.480
_cell.length_b   198.480
_cell.length_c   198.480
_cell.angle_alpha   90.000
_cell.angle_beta   90.000
_cell.angle_gamma   90.000
#
_symmetry.space_group_name_H-M   'I 2 3'
#
loop_
_entity.id
_entity.type
_entity.pdbx_description
1 polymer Hemagglutinin
2 polymer 'Hemagglutinin HA2 chain'
3 branched 2-acetamido-2-deoxy-alpha-D-glucopyranose-(1-4)-2-acetamido-2-deoxy-beta-D-glucopyranose
4 non-polymer 2-acetamido-2-deoxy-beta-D-glucopyranose
5 water water
#
loop_
_entity_poly.entity_id
_entity_poly.type
_entity_poly.pdbx_seq_one_letter_code
_entity_poly.pdbx_strand_id
1 'polypeptide(L)'
;DTICIGYHANNSTDTVDTVLEKNVTVTHSVNLLEDNHNGKLCKLNGIAPLQLGKCNVAGWLLGNPECDLLLTANSWSYII
ETSNSENGTCYPGEFIDYEELREQLSSVSSFERFEIFPKASSWPNHETTKGVTAACSYFGASSFYRNLLWITKKGTSYPK
LSKSYTNNKGKEVLVLWGVHHPPTTSEQQTLYQNTDAYVSVGSSKYNRRFTPEIAARPKVRGQAGRMNYYWTLLDQGDTI
TFEATGNLIAPWYAFALNKGSDSGIITSDAPVHNCDTKCQTPHGAINSTLPFQNVHPITIGECPKYVKSTKLRMATGLRN
IPSI
;
A
2 'polypeptide(L)'
;GLFGAMAGFIEGGWTGMIDGWYGYHHQNEQGSGYAADQKSTQNAIDGITNKVNSIIEKMNTQFTAVGKEFNNLERRIENL
NKKVDDGFLDVWTYNAELLVLLENERTLDFHDSNVRNLYEKVKSQLRNNAKEIGNGCFEFYHKCDDECMESVKNGTYDYP
;
B
#
# COMPACT_ATOMS: atom_id res chain seq x y z
N ASP A 1 -13.35 -51.68 -33.05
CA ASP A 1 -13.27 -51.17 -31.66
C ASP A 1 -11.98 -50.38 -31.41
N THR A 2 -12.11 -49.09 -31.14
CA THR A 2 -10.94 -48.26 -30.88
C THR A 2 -11.05 -47.45 -29.60
N ILE A 3 -9.90 -47.11 -29.05
CA ILE A 3 -9.84 -46.30 -27.85
C ILE A 3 -8.79 -45.26 -28.17
N CYS A 4 -9.07 -44.00 -27.84
CA CYS A 4 -8.12 -42.94 -28.08
C CYS A 4 -7.86 -42.21 -26.80
N ILE A 5 -6.63 -41.76 -26.62
CA ILE A 5 -6.32 -41.01 -25.44
C ILE A 5 -6.10 -39.59 -25.92
N GLY A 6 -6.74 -38.66 -25.23
CA GLY A 6 -6.63 -37.26 -25.62
C GLY A 6 -6.72 -36.32 -24.44
N TYR A 7 -7.03 -35.06 -24.74
CA TYR A 7 -7.10 -34.03 -23.71
C TYR A 7 -8.29 -33.07 -23.84
N HIS A 8 -8.61 -32.43 -22.72
CA HIS A 8 -9.72 -31.47 -22.60
C HIS A 8 -9.63 -30.22 -23.45
N ALA A 9 -10.78 -29.65 -23.76
CA ALA A 9 -10.90 -28.41 -24.53
C ALA A 9 -12.24 -27.76 -24.16
N ASN A 10 -12.34 -26.46 -24.28
CA ASN A 10 -13.57 -25.76 -23.94
C ASN A 10 -13.69 -24.43 -24.67
N ASN A 11 -14.66 -23.62 -24.26
CA ASN A 11 -14.90 -22.33 -24.88
C ASN A 11 -14.06 -21.19 -24.29
N SER A 12 -12.98 -21.54 -23.59
CA SER A 12 -12.12 -20.55 -22.97
C SER A 12 -11.40 -19.64 -23.96
N THR A 13 -11.25 -18.38 -23.58
CA THR A 13 -10.57 -17.40 -24.42
C THR A 13 -9.33 -16.85 -23.71
N ASP A 14 -9.12 -17.28 -22.47
CA ASP A 14 -7.97 -16.83 -21.70
C ASP A 14 -6.71 -17.09 -22.51
N THR A 15 -5.82 -16.11 -22.56
CA THR A 15 -4.56 -16.29 -23.28
C THR A 15 -3.41 -15.95 -22.36
N VAL A 16 -2.35 -16.76 -22.40
CA VAL A 16 -1.17 -16.51 -21.60
C VAL A 16 -0.03 -16.40 -22.58
N ASP A 17 1.10 -15.89 -22.11
CA ASP A 17 2.29 -15.74 -22.94
C ASP A 17 3.30 -16.73 -22.38
N THR A 18 4.08 -17.34 -23.26
CA THR A 18 5.08 -18.30 -22.81
C THR A 18 6.44 -17.84 -23.34
N VAL A 19 7.51 -18.46 -22.86
CA VAL A 19 8.85 -18.10 -23.29
C VAL A 19 9.03 -18.19 -24.80
N LEU A 20 8.39 -19.19 -25.38
CA LEU A 20 8.51 -19.44 -26.82
C LEU A 20 7.37 -18.89 -27.67
N GLU A 21 6.23 -18.59 -27.06
CA GLU A 21 5.11 -18.15 -27.87
C GLU A 21 4.08 -17.28 -27.17
N LYS A 22 3.64 -16.22 -27.83
CA LYS A 22 2.66 -15.29 -27.26
C LYS A 22 1.19 -15.64 -27.47
N ASN A 23 0.35 -15.07 -26.62
CA ASN A 23 -1.09 -15.26 -26.65
C ASN A 23 -1.59 -16.68 -26.96
N VAL A 24 -1.10 -17.63 -26.20
CA VAL A 24 -1.50 -19.02 -26.34
C VAL A 24 -2.83 -19.18 -25.61
N THR A 25 -3.90 -19.55 -26.32
CA THR A 25 -5.19 -19.74 -25.66
C THR A 25 -5.14 -20.98 -24.77
N VAL A 26 -5.50 -20.80 -23.51
CA VAL A 26 -5.44 -21.89 -22.57
C VAL A 26 -6.83 -22.16 -22.00
N THR A 27 -7.09 -23.40 -21.56
CA THR A 27 -8.39 -23.77 -21.04
C THR A 27 -8.70 -23.20 -19.66
N HIS A 28 -7.67 -23.02 -18.85
CA HIS A 28 -7.81 -22.50 -17.50
C HIS A 28 -6.59 -21.70 -17.10
N SER A 29 -6.81 -20.54 -16.50
CA SER A 29 -5.72 -19.69 -16.06
C SER A 29 -6.05 -19.01 -14.74
N VAL A 30 -5.05 -18.42 -14.12
CA VAL A 30 -5.21 -17.72 -12.87
C VAL A 30 -4.49 -16.40 -13.03
N ASN A 31 -5.03 -15.33 -12.44
CA ASN A 31 -4.36 -14.05 -12.56
C ASN A 31 -3.46 -13.79 -11.35
N LEU A 32 -2.25 -13.30 -11.61
CA LEU A 32 -1.30 -13.03 -10.56
C LEU A 32 -1.04 -11.54 -10.44
N LEU A 33 -1.87 -10.74 -11.10
CA LEU A 33 -1.73 -9.30 -11.08
C LEU A 33 -2.98 -8.62 -10.57
N GLU A 34 -2.89 -8.06 -9.38
CA GLU A 34 -4.03 -7.36 -8.80
C GLU A 34 -4.05 -5.96 -9.44
N ASP A 35 -5.01 -5.72 -10.34
CA ASP A 35 -5.09 -4.42 -11.02
C ASP A 35 -6.43 -3.72 -10.91
N ASN A 36 -7.19 -4.06 -9.88
CA ASN A 36 -8.48 -3.44 -9.65
C ASN A 36 -8.51 -2.99 -8.19
N HIS A 37 -9.24 -1.92 -7.91
CA HIS A 37 -9.37 -1.42 -6.54
C HIS A 37 -10.81 -0.99 -6.30
N ASN A 38 -11.09 -0.40 -5.14
CA ASN A 38 -12.46 0.01 -4.85
C ASN A 38 -12.71 1.51 -4.75
N GLY A 39 -11.82 2.31 -5.33
CA GLY A 39 -11.99 3.76 -5.31
C GLY A 39 -12.50 4.32 -3.99
N LYS A 40 -12.09 3.69 -2.90
CA LYS A 40 -12.49 4.11 -1.55
C LYS A 40 -11.30 4.06 -0.59
N LEU A 41 -11.29 4.97 0.37
CA LEU A 41 -10.24 5.01 1.37
C LEU A 41 -10.80 4.26 2.58
N CYS A 42 -10.27 3.06 2.83
CA CYS A 42 -10.76 2.22 3.92
C CYS A 42 -10.00 2.31 5.22
N LYS A 43 -10.41 1.51 6.19
CA LYS A 43 -9.77 1.46 7.49
C LYS A 43 -8.61 0.48 7.33
N LEU A 44 -7.39 0.93 7.62
CA LEU A 44 -6.22 0.07 7.49
C LEU A 44 -6.11 -0.80 8.73
N ASN A 45 -6.48 -2.07 8.60
CA ASN A 45 -6.43 -3.03 9.69
C ASN A 45 -7.40 -2.73 10.82
N GLY A 46 -8.64 -2.39 10.44
CA GLY A 46 -9.67 -2.12 11.42
C GLY A 46 -9.56 -0.81 12.17
N ILE A 47 -8.79 0.14 11.65
CA ILE A 47 -8.64 1.44 12.30
C ILE A 47 -8.70 2.57 11.28
N ALA A 48 -9.89 3.15 11.10
CA ALA A 48 -10.08 4.23 10.14
C ALA A 48 -8.95 5.25 10.17
N PRO A 49 -8.77 5.98 9.07
CA PRO A 49 -7.72 6.98 8.98
C PRO A 49 -8.17 8.31 9.60
N LEU A 50 -7.37 9.35 9.37
CA LEU A 50 -7.66 10.68 9.86
C LEU A 50 -7.79 11.60 8.64
N GLN A 51 -8.98 12.16 8.44
CA GLN A 51 -9.20 13.05 7.31
C GLN A 51 -8.91 14.48 7.72
N LEU A 52 -8.10 15.19 6.95
CA LEU A 52 -7.78 16.57 7.29
C LEU A 52 -8.56 17.53 6.39
N GLY A 53 -9.13 17.00 5.32
CA GLY A 53 -9.94 17.80 4.41
C GLY A 53 -9.27 19.04 3.85
N LYS A 54 -9.79 20.20 4.25
CA LYS A 54 -9.27 21.49 3.79
C LYS A 54 -7.93 21.80 4.45
N CYS A 55 -7.64 21.14 5.56
CA CYS A 55 -6.40 21.36 6.28
C CYS A 55 -5.31 20.36 5.99
N ASN A 56 -4.08 20.74 6.33
CA ASN A 56 -2.96 19.84 6.16
C ASN A 56 -2.43 19.59 7.57
N VAL A 57 -1.45 18.71 7.69
CA VAL A 57 -0.91 18.38 9.01
C VAL A 57 -0.55 19.58 9.86
N ALA A 58 0.17 20.55 9.29
CA ALA A 58 0.59 21.74 10.02
C ALA A 58 -0.61 22.52 10.59
N GLY A 59 -1.64 22.70 9.77
CA GLY A 59 -2.82 23.42 10.20
C GLY A 59 -3.53 22.66 11.29
N TRP A 60 -3.60 21.35 11.16
CA TRP A 60 -4.25 20.52 12.16
C TRP A 60 -3.56 20.62 13.51
N LEU A 61 -2.27 20.37 13.55
CA LEU A 61 -1.52 20.40 14.81
C LEU A 61 -1.38 21.78 15.44
N LEU A 62 -1.18 22.81 14.62
CA LEU A 62 -1.01 24.16 15.14
C LEU A 62 -2.34 24.76 15.63
N GLY A 63 -3.45 24.38 15.02
CA GLY A 63 -4.72 24.92 15.46
C GLY A 63 -5.24 25.99 14.54
N ASN A 64 -4.93 25.88 13.25
CA ASN A 64 -5.41 26.84 12.27
C ASN A 64 -6.92 26.96 12.51
N PRO A 65 -7.46 28.20 12.51
CA PRO A 65 -8.89 28.47 12.73
C PRO A 65 -9.85 27.73 11.80
N GLU A 66 -9.34 27.20 10.70
CA GLU A 66 -10.18 26.48 9.75
C GLU A 66 -10.25 24.97 9.99
N CYS A 67 -9.49 24.47 10.96
CA CYS A 67 -9.46 23.05 11.26
C CYS A 67 -10.06 22.74 12.62
N ASP A 68 -11.25 23.28 12.90
CA ASP A 68 -11.88 23.06 14.19
C ASP A 68 -12.47 21.67 14.40
N LEU A 69 -12.84 21.00 13.32
CA LEU A 69 -13.41 19.65 13.42
C LEU A 69 -12.33 18.67 13.84
N LEU A 70 -11.07 19.03 13.56
CA LEU A 70 -9.92 18.18 13.87
C LEU A 70 -9.48 18.24 15.34
N LEU A 71 -10.13 19.08 16.14
CA LEU A 71 -9.77 19.22 17.55
C LEU A 71 -10.17 18.00 18.40
N THR A 72 -10.85 17.04 17.78
CA THR A 72 -11.30 15.83 18.46
C THR A 72 -10.62 14.57 17.92
N ALA A 73 -9.77 14.75 16.91
CA ALA A 73 -9.03 13.66 16.29
C ALA A 73 -8.68 12.56 17.30
N ASN A 74 -8.95 11.30 16.93
CA ASN A 74 -8.65 10.17 17.81
C ASN A 74 -8.44 8.83 17.07
N SER A 75 -7.35 8.13 17.42
CA SER A 75 -6.99 6.83 16.83
C SER A 75 -6.18 6.91 15.54
N TRP A 76 -6.87 6.72 14.42
CA TRP A 76 -6.29 6.75 13.07
C TRP A 76 -5.04 5.88 12.80
N SER A 77 -5.06 5.22 11.65
CA SER A 77 -3.98 4.32 11.21
C SER A 77 -3.09 4.93 10.12
N TYR A 78 -3.57 6.00 9.50
CA TYR A 78 -2.84 6.73 8.47
C TYR A 78 -3.58 8.04 8.24
N ILE A 79 -2.85 9.06 7.81
CA ILE A 79 -3.45 10.38 7.61
C ILE A 79 -3.79 10.64 6.16
N ILE A 80 -4.97 11.24 5.94
CA ILE A 80 -5.44 11.55 4.59
C ILE A 80 -5.47 13.04 4.31
N GLU A 81 -4.68 13.50 3.34
CA GLU A 81 -4.72 14.90 2.97
C GLU A 81 -5.40 14.92 1.61
N THR A 82 -6.10 16.01 1.33
CA THR A 82 -6.85 16.18 0.08
C THR A 82 -6.19 17.19 -0.85
N SER A 83 -6.69 17.28 -2.07
CA SER A 83 -6.15 18.25 -3.01
C SER A 83 -6.64 19.62 -2.55
N ASN A 84 -7.41 19.59 -1.46
CA ASN A 84 -7.94 20.81 -0.86
C ASN A 84 -7.21 21.15 0.44
N SER A 85 -6.30 20.27 0.85
CA SER A 85 -5.53 20.48 2.08
C SER A 85 -4.59 21.67 1.94
N GLU A 86 -5.09 22.87 2.23
CA GLU A 86 -4.29 24.08 2.10
C GLU A 86 -4.27 25.00 3.33
N ASN A 87 -5.10 24.70 4.32
CA ASN A 87 -5.12 25.53 5.53
C ASN A 87 -4.05 25.02 6.48
N GLY A 88 -2.89 25.68 6.43
CA GLY A 88 -1.79 25.28 7.28
C GLY A 88 -1.33 26.41 8.18
N THR A 89 -0.12 26.88 7.94
CA THR A 89 0.43 27.97 8.72
C THR A 89 -0.13 29.28 8.19
N CYS A 90 -1.31 29.69 8.68
CA CYS A 90 -1.92 30.94 8.22
C CYS A 90 -1.01 32.14 8.46
N TYR A 91 -0.02 31.96 9.34
CA TYR A 91 0.95 33.00 9.61
C TYR A 91 2.29 32.48 9.09
N PRO A 92 2.86 33.14 8.06
CA PRO A 92 4.13 32.77 7.44
C PRO A 92 5.33 32.39 8.31
N GLY A 93 6.01 31.32 7.90
CA GLY A 93 7.17 30.83 8.61
C GLY A 93 7.50 29.39 8.29
N GLU A 94 8.68 28.95 8.72
CA GLU A 94 9.12 27.58 8.51
C GLU A 94 8.70 26.64 9.63
N PHE A 95 8.07 25.52 9.28
CA PHE A 95 7.68 24.52 10.26
C PHE A 95 8.89 23.57 10.32
N ILE A 96 9.75 23.78 11.31
CA ILE A 96 10.98 23.01 11.45
C ILE A 96 10.78 21.50 11.52
N ASP A 97 11.53 20.77 10.70
CA ASP A 97 11.45 19.32 10.65
C ASP A 97 10.02 18.85 10.43
N TYR A 98 9.31 19.55 9.56
CA TYR A 98 7.93 19.23 9.26
C TYR A 98 7.76 17.82 8.72
N GLU A 99 8.48 17.51 7.64
CA GLU A 99 8.40 16.19 7.03
C GLU A 99 8.52 15.14 8.13
N GLU A 100 9.54 15.31 8.96
CA GLU A 100 9.83 14.41 10.06
C GLU A 100 8.63 14.23 10.99
N LEU A 101 7.97 15.32 11.35
CA LEU A 101 6.82 15.23 12.24
C LEU A 101 5.69 14.48 11.55
N ARG A 102 5.45 14.82 10.28
CA ARG A 102 4.37 14.18 9.54
C ARG A 102 4.58 12.68 9.54
N GLU A 103 5.83 12.28 9.27
CA GLU A 103 6.22 10.88 9.24
C GLU A 103 6.02 10.19 10.59
N GLN A 104 6.43 10.82 11.68
CA GLN A 104 6.28 10.22 13.00
C GLN A 104 4.85 10.14 13.52
N LEU A 105 3.98 11.03 13.08
CA LEU A 105 2.60 11.02 13.54
C LEU A 105 1.70 10.26 12.62
N SER A 106 2.30 9.54 11.68
CA SER A 106 1.56 8.75 10.71
C SER A 106 0.56 7.80 11.35
N SER A 107 1.03 7.04 12.33
CA SER A 107 0.18 6.08 13.02
C SER A 107 0.15 6.41 14.51
N VAL A 108 -1.04 6.51 15.07
CA VAL A 108 -1.17 6.82 16.49
C VAL A 108 -2.27 5.99 17.12
N SER A 109 -2.01 5.46 18.32
CA SER A 109 -2.97 4.65 19.05
C SER A 109 -3.96 5.56 19.78
N SER A 110 -3.47 6.26 20.79
CA SER A 110 -4.26 7.21 21.57
C SER A 110 -3.68 8.59 21.29
N PHE A 111 -4.47 9.64 21.50
CA PHE A 111 -4.03 11.00 21.24
C PHE A 111 -4.99 11.95 21.93
N GLU A 112 -4.63 12.39 23.13
CA GLU A 112 -5.47 13.29 23.89
C GLU A 112 -4.92 14.72 23.79
N ARG A 113 -5.78 15.68 23.44
CA ARG A 113 -5.34 17.06 23.35
C ARG A 113 -5.64 17.74 24.68
N PHE A 114 -4.59 18.14 25.40
CA PHE A 114 -4.77 18.79 26.69
C PHE A 114 -4.16 20.18 26.73
N GLU A 115 -4.70 21.03 27.59
CA GLU A 115 -4.22 22.41 27.74
C GLU A 115 -2.99 22.43 28.65
N ILE A 116 -1.81 22.36 28.04
CA ILE A 116 -0.55 22.32 28.76
C ILE A 116 -0.19 23.60 29.52
N PHE A 117 -0.45 24.74 28.90
CA PHE A 117 -0.18 26.04 29.51
C PHE A 117 -1.46 26.83 29.30
N PRO A 118 -2.35 26.87 30.30
CA PRO A 118 -3.62 27.59 30.18
C PRO A 118 -3.44 29.10 29.97
N LYS A 119 -4.17 29.63 28.98
CA LYS A 119 -4.13 31.06 28.67
C LYS A 119 -4.52 31.83 29.93
N ALA A 120 -5.72 31.56 30.40
CA ALA A 120 -6.26 32.19 31.60
C ALA A 120 -5.30 31.96 32.76
N SER A 121 -4.52 32.98 33.06
CA SER A 121 -3.54 32.92 34.15
C SER A 121 -2.57 31.76 33.98
N SER A 122 -1.41 32.10 33.46
CA SER A 122 -0.31 31.17 33.21
C SER A 122 0.81 32.09 32.79
N TRP A 123 0.41 33.24 32.26
CA TRP A 123 1.33 34.26 31.82
C TRP A 123 0.97 35.53 32.57
N PRO A 124 1.40 35.62 33.84
CA PRO A 124 1.11 36.80 34.68
C PRO A 124 1.88 37.98 34.12
N ASN A 125 1.33 39.18 34.29
CA ASN A 125 1.96 40.38 33.79
C ASN A 125 2.48 40.27 32.34
N HIS A 126 1.61 39.75 31.47
CA HIS A 126 1.89 39.57 30.04
C HIS A 126 0.58 39.61 29.28
N GLU A 127 0.55 40.31 28.15
CA GLU A 127 -0.68 40.39 27.38
C GLU A 127 -0.89 39.08 26.63
N THR A 128 -2.00 38.41 26.94
CA THR A 128 -2.33 37.15 26.32
C THR A 128 -3.61 37.25 25.50
N THR A 129 -4.06 38.47 25.23
CA THR A 129 -5.29 38.64 24.47
C THR A 129 -5.15 39.46 23.19
N LYS A 130 -3.92 39.82 22.85
CA LYS A 130 -3.71 40.59 21.63
C LYS A 130 -3.20 39.71 20.51
N GLY A 131 -2.58 38.58 20.88
CA GLY A 131 -2.03 37.66 19.90
C GLY A 131 -3.02 37.13 18.88
N VAL A 132 -3.58 38.06 18.11
CA VAL A 132 -4.56 37.75 17.10
C VAL A 132 -4.19 38.46 15.80
N THR A 133 -4.07 37.70 14.72
CA THR A 133 -3.72 38.29 13.43
C THR A 133 -4.85 38.15 12.43
N ALA A 134 -4.75 38.90 11.33
CA ALA A 134 -5.76 38.87 10.29
C ALA A 134 -5.42 37.77 9.29
N ALA A 135 -4.16 37.37 9.26
CA ALA A 135 -3.73 36.31 8.37
C ALA A 135 -4.49 35.06 8.80
N CYS A 136 -4.73 34.93 10.10
CA CYS A 136 -5.45 33.79 10.65
C CYS A 136 -6.87 34.18 11.02
N SER A 137 -7.63 34.60 10.02
CA SER A 137 -9.00 35.02 10.21
C SER A 137 -10.00 33.91 10.46
N TYR A 138 -10.82 34.10 11.50
CA TYR A 138 -11.86 33.15 11.88
C TYR A 138 -13.22 33.81 11.67
N PHE A 139 -13.83 33.53 10.51
CA PHE A 139 -15.13 34.10 10.17
C PHE A 139 -15.05 35.62 10.05
N GLY A 140 -14.22 36.08 9.10
CA GLY A 140 -14.06 37.50 8.89
C GLY A 140 -13.25 38.15 9.99
N ALA A 141 -13.40 37.62 11.21
CA ALA A 141 -12.69 38.13 12.37
C ALA A 141 -11.23 37.73 12.34
N SER A 142 -10.39 38.49 13.04
CA SER A 142 -8.96 38.17 13.10
C SER A 142 -8.81 37.19 14.27
N SER A 143 -8.05 36.12 14.06
CA SER A 143 -7.86 35.13 15.10
C SER A 143 -6.42 34.63 15.17
N PHE A 144 -6.26 33.36 15.53
CA PHE A 144 -4.94 32.75 15.64
C PHE A 144 -5.06 31.25 15.87
N TYR A 145 -3.92 30.57 15.87
CA TYR A 145 -3.92 29.13 16.08
C TYR A 145 -4.55 28.85 17.42
N ARG A 146 -5.22 27.70 17.53
CA ARG A 146 -5.89 27.37 18.77
C ARG A 146 -5.03 26.62 19.76
N ASN A 147 -3.87 26.14 19.33
CA ASN A 147 -2.99 25.39 20.22
C ASN A 147 -1.78 26.17 20.64
N LEU A 148 -1.56 27.31 20.00
CA LEU A 148 -0.43 28.18 20.34
C LEU A 148 -0.98 29.51 20.84
N LEU A 149 -0.22 30.17 21.72
CA LEU A 149 -0.65 31.45 22.29
C LEU A 149 0.35 32.55 22.02
N TRP A 150 -0.09 33.59 21.31
CA TRP A 150 0.76 34.73 21.00
C TRP A 150 0.83 35.70 22.18
N ILE A 151 1.89 35.57 22.97
CA ILE A 151 2.10 36.41 24.13
C ILE A 151 2.74 37.71 23.68
N THR A 152 2.01 38.80 23.85
CA THR A 152 2.46 40.13 23.49
C THR A 152 2.98 40.90 24.70
N LYS A 153 2.75 42.20 24.73
CA LYS A 153 3.24 43.01 25.84
C LYS A 153 2.15 43.60 26.74
N LYS A 154 2.48 43.68 28.03
CA LYS A 154 1.56 44.23 29.00
C LYS A 154 1.82 45.72 29.14
N GLY A 155 0.94 46.52 28.51
CA GLY A 155 1.10 47.96 28.55
C GLY A 155 2.38 48.38 27.83
N THR A 156 3.45 48.56 28.60
CA THR A 156 4.74 48.96 28.03
C THR A 156 5.84 48.25 28.81
N SER A 157 5.56 47.02 29.21
CA SER A 157 6.53 46.21 29.95
C SER A 157 6.42 44.73 29.58
N TYR A 158 7.57 44.13 29.28
CA TYR A 158 7.61 42.73 28.92
C TYR A 158 8.74 42.08 29.70
N PRO A 159 8.41 41.57 30.89
CA PRO A 159 9.35 40.91 31.80
C PRO A 159 9.72 39.50 31.34
N LYS A 160 10.77 38.93 31.93
CA LYS A 160 11.21 37.60 31.55
C LYS A 160 10.33 36.49 32.13
N LEU A 161 9.63 35.76 31.26
CA LEU A 161 8.75 34.67 31.70
C LEU A 161 9.50 33.34 31.81
N SER A 162 8.95 32.39 32.56
CA SER A 162 9.59 31.09 32.73
C SER A 162 8.68 29.96 33.24
N LYS A 163 7.98 29.28 32.32
CA LYS A 163 7.07 28.16 32.64
C LYS A 163 7.64 26.80 32.28
N SER A 164 7.51 25.85 33.18
CA SER A 164 7.97 24.49 32.93
C SER A 164 6.78 23.56 32.95
N TYR A 165 6.92 22.40 32.34
CA TYR A 165 5.85 21.41 32.31
C TYR A 165 6.50 20.03 32.42
N THR A 166 6.03 19.20 33.33
CA THR A 166 6.60 17.86 33.45
C THR A 166 5.55 16.84 33.03
N ASN A 167 5.89 16.06 32.01
CA ASN A 167 4.99 15.06 31.45
C ASN A 167 4.71 13.90 32.37
N ASN A 168 3.56 13.98 33.04
CA ASN A 168 3.11 12.92 33.96
C ASN A 168 1.91 12.22 33.31
N LYS A 169 1.78 12.38 31.99
CA LYS A 169 0.70 11.78 31.22
C LYS A 169 0.83 10.25 31.05
N GLY A 170 1.97 9.70 31.47
CA GLY A 170 2.18 8.27 31.32
C GLY A 170 2.34 7.85 29.86
N LYS A 171 2.80 8.79 29.03
CA LYS A 171 3.02 8.56 27.62
C LYS A 171 3.73 9.79 27.07
N GLU A 172 4.12 9.77 25.80
CA GLU A 172 4.81 10.91 25.21
C GLU A 172 3.87 12.09 25.02
N VAL A 173 4.43 13.29 25.08
CA VAL A 173 3.66 14.49 24.87
C VAL A 173 4.29 15.25 23.70
N LEU A 174 3.44 15.67 22.76
CA LEU A 174 3.91 16.43 21.60
C LEU A 174 3.75 17.91 21.92
N VAL A 175 4.85 18.60 22.17
CA VAL A 175 4.78 20.02 22.50
C VAL A 175 5.16 20.84 21.26
N LEU A 176 4.29 21.76 20.85
CA LEU A 176 4.57 22.60 19.69
C LEU A 176 4.69 24.05 20.16
N TRP A 177 5.48 24.86 19.45
CA TRP A 177 5.62 26.26 19.80
C TRP A 177 6.15 27.04 18.62
N GLY A 178 6.43 28.32 18.83
CA GLY A 178 6.94 29.14 17.75
C GLY A 178 7.77 30.32 18.22
N VAL A 179 8.60 30.83 17.33
CA VAL A 179 9.44 31.98 17.63
C VAL A 179 9.07 32.99 16.56
N HIS A 180 8.64 34.17 16.99
CA HIS A 180 8.27 35.22 16.04
C HIS A 180 9.50 36.00 15.59
N HIS A 181 9.51 36.37 14.31
CA HIS A 181 10.62 37.10 13.74
C HIS A 181 10.13 38.35 13.04
N PRO A 182 10.02 39.46 13.79
CA PRO A 182 9.56 40.74 13.24
C PRO A 182 10.36 41.18 12.03
N PRO A 183 9.75 41.99 11.15
CA PRO A 183 10.44 42.47 9.95
C PRO A 183 11.56 43.45 10.29
N THR A 184 11.31 44.30 11.29
CA THR A 184 12.28 45.31 11.69
C THR A 184 12.61 45.28 13.19
N THR A 185 12.58 46.45 13.82
CA THR A 185 12.85 46.57 15.26
C THR A 185 11.82 47.52 15.88
N SER A 186 10.94 48.05 15.04
CA SER A 186 9.86 48.94 15.49
C SER A 186 8.69 48.08 15.97
N GLU A 187 8.51 46.94 15.29
CA GLU A 187 7.46 45.98 15.63
C GLU A 187 8.06 45.15 16.75
N GLN A 188 9.34 44.84 16.63
CA GLN A 188 10.05 44.06 17.63
C GLN A 188 9.90 44.65 19.01
N GLN A 189 9.94 45.97 19.10
CA GLN A 189 9.82 46.62 20.38
C GLN A 189 8.37 46.94 20.73
N THR A 190 7.56 47.29 19.73
CA THR A 190 6.17 47.60 20.01
C THR A 190 5.43 46.37 20.55
N LEU A 191 5.98 45.19 20.32
CA LEU A 191 5.35 43.95 20.76
C LEU A 191 6.02 43.28 21.95
N TYR A 192 7.35 43.22 21.94
CA TYR A 192 8.05 42.59 23.04
C TYR A 192 9.06 43.52 23.70
N GLN A 193 8.96 44.81 23.41
CA GLN A 193 9.86 45.80 23.99
C GLN A 193 11.35 45.44 23.83
N ASN A 194 11.85 44.65 24.76
CA ASN A 194 13.25 44.21 24.77
C ASN A 194 13.88 43.92 23.41
N THR A 195 14.35 44.97 22.74
CA THR A 195 14.99 44.80 21.44
C THR A 195 16.34 44.12 21.63
N ASP A 196 16.30 42.82 21.92
CA ASP A 196 17.49 42.01 22.15
C ASP A 196 17.02 40.71 22.81
N ALA A 197 15.70 40.52 22.79
CA ALA A 197 15.04 39.35 23.38
C ALA A 197 15.64 38.02 22.99
N TYR A 198 15.08 36.96 23.54
CA TYR A 198 15.53 35.60 23.31
C TYR A 198 14.44 34.65 23.81
N VAL A 199 14.49 33.41 23.35
CA VAL A 199 13.55 32.37 23.74
C VAL A 199 14.38 31.13 23.91
N SER A 200 14.21 30.41 25.01
CA SER A 200 14.99 29.21 25.21
C SER A 200 14.11 28.07 25.68
N VAL A 201 14.20 26.95 24.99
CA VAL A 201 13.44 25.77 25.33
C VAL A 201 14.43 24.75 25.87
N GLY A 202 14.20 24.28 27.08
CA GLY A 202 15.10 23.31 27.69
C GLY A 202 14.40 22.05 28.13
N SER A 203 15.09 20.94 27.94
CA SER A 203 14.59 19.62 28.28
C SER A 203 15.80 18.78 28.61
N SER A 204 15.60 17.58 29.13
CA SER A 204 16.74 16.75 29.44
C SER A 204 17.28 16.24 28.11
N LYS A 205 16.48 16.42 27.05
CA LYS A 205 16.82 15.99 25.70
C LYS A 205 16.48 17.09 24.65
N TYR A 206 16.98 18.31 24.88
CA TYR A 206 16.71 19.44 23.99
C TYR A 206 17.28 20.73 24.61
N ASN A 207 17.79 21.65 23.80
CA ASN A 207 18.32 22.88 24.38
C ASN A 207 18.50 24.04 23.41
N ARG A 208 18.11 23.86 22.15
CA ARG A 208 18.25 24.93 21.17
C ARG A 208 17.66 26.24 21.71
N ARG A 209 18.40 27.34 21.55
CA ARG A 209 17.94 28.66 22.01
C ARG A 209 17.61 29.51 20.79
N PHE A 210 16.93 30.64 20.98
CA PHE A 210 16.56 31.47 19.86
C PHE A 210 16.63 32.95 20.16
N THR A 211 16.68 33.73 19.10
CA THR A 211 16.73 35.17 19.17
C THR A 211 16.04 35.62 17.90
N PRO A 212 15.15 36.60 18.00
CA PRO A 212 14.45 37.03 16.79
C PRO A 212 15.44 37.41 15.70
N GLU A 213 15.15 36.99 14.47
CA GLU A 213 16.00 37.30 13.32
C GLU A 213 15.31 38.34 12.46
N ILE A 214 15.08 39.51 13.04
CA ILE A 214 14.46 40.61 12.32
C ILE A 214 15.25 40.89 11.05
N ALA A 215 14.54 41.15 9.97
CA ALA A 215 15.14 41.42 8.66
C ALA A 215 14.02 41.72 7.66
N ALA A 216 14.35 42.47 6.62
CA ALA A 216 13.36 42.85 5.59
C ALA A 216 13.08 41.64 4.73
N ARG A 217 11.80 41.37 4.49
CA ARG A 217 11.39 40.23 3.67
C ARG A 217 9.98 40.46 3.13
N PRO A 218 9.65 39.85 1.98
CA PRO A 218 8.32 40.02 1.37
C PRO A 218 7.16 39.54 2.22
N LYS A 219 6.11 40.31 2.26
CA LYS A 219 4.93 39.94 3.04
C LYS A 219 4.32 38.68 2.44
N VAL A 220 3.85 37.78 3.30
CA VAL A 220 3.20 36.57 2.84
C VAL A 220 1.81 36.53 3.46
N ARG A 221 0.84 36.33 2.59
CA ARG A 221 -0.58 36.33 2.97
C ARG A 221 -0.85 37.38 4.05
N GLY A 222 -0.18 38.52 3.91
CA GLY A 222 -0.38 39.59 4.85
C GLY A 222 0.84 40.18 5.51
N GLN A 223 1.47 39.40 6.39
CA GLN A 223 2.62 39.90 7.15
C GLN A 223 4.01 39.69 6.57
N ALA A 224 4.90 40.61 6.94
CA ALA A 224 6.30 40.59 6.55
C ALA A 224 7.06 39.96 7.71
N GLY A 225 6.32 39.68 8.79
CA GLY A 225 6.94 39.06 9.94
C GLY A 225 6.92 37.57 9.68
N ARG A 226 7.65 36.82 10.49
CA ARG A 226 7.72 35.38 10.30
C ARG A 226 7.69 34.60 11.60
N MET A 227 7.08 33.42 11.55
CA MET A 227 6.99 32.55 12.72
C MET A 227 7.45 31.13 12.42
N ASN A 228 8.56 30.73 13.03
CA ASN A 228 9.06 29.37 12.84
C ASN A 228 8.37 28.50 13.87
N TYR A 229 7.93 27.33 13.43
CA TYR A 229 7.25 26.42 14.33
C TYR A 229 8.18 25.28 14.72
N TYR A 230 8.25 25.00 16.01
CA TYR A 230 9.10 23.93 16.51
C TYR A 230 8.25 22.98 17.33
N TRP A 231 8.61 21.71 17.30
CA TRP A 231 7.90 20.72 18.09
C TRP A 231 8.97 19.86 18.77
N THR A 232 8.53 18.99 19.67
CA THR A 232 9.43 18.08 20.36
C THR A 232 8.62 17.01 21.08
N LEU A 233 9.17 15.80 21.17
CA LEU A 233 8.48 14.74 21.87
C LEU A 233 9.09 14.64 23.26
N LEU A 234 8.28 14.99 24.24
CA LEU A 234 8.69 15.00 25.65
C LEU A 234 8.43 13.66 26.31
N ASP A 235 9.50 12.95 26.64
CA ASP A 235 9.40 11.62 27.26
C ASP A 235 8.66 11.69 28.57
N GLN A 236 8.13 10.57 29.03
CA GLN A 236 7.44 10.54 30.30
C GLN A 236 8.39 11.04 31.37
N GLY A 237 7.83 11.59 32.45
CA GLY A 237 8.66 12.06 33.54
C GLY A 237 9.68 13.14 33.22
N ASP A 238 9.79 13.55 31.96
CA ASP A 238 10.75 14.60 31.66
C ASP A 238 10.07 15.95 31.78
N THR A 239 10.86 17.00 31.95
CA THR A 239 10.35 18.35 32.11
C THR A 239 10.87 19.27 31.00
N ILE A 240 10.00 20.07 30.43
CA ILE A 240 10.40 21.01 29.40
C ILE A 240 10.17 22.40 29.98
N THR A 241 11.22 23.24 29.99
CA THR A 241 11.13 24.60 30.52
C THR A 241 11.17 25.61 29.40
N PHE A 242 10.29 26.60 29.48
CA PHE A 242 10.25 27.67 28.49
C PHE A 242 10.52 28.94 29.28
N GLU A 243 11.18 29.90 28.66
CA GLU A 243 11.44 31.18 29.30
C GLU A 243 11.93 32.13 28.22
N ALA A 244 11.43 33.35 28.23
CA ALA A 244 11.82 34.29 27.20
C ALA A 244 11.57 35.74 27.59
N THR A 245 12.15 36.65 26.83
CA THR A 245 11.97 38.07 27.06
C THR A 245 11.18 38.62 25.90
N GLY A 246 10.68 37.71 25.07
CA GLY A 246 9.88 38.10 23.91
C GLY A 246 9.96 37.14 22.73
N ASN A 247 9.15 37.42 21.71
CA ASN A 247 9.13 36.62 20.50
C ASN A 247 8.80 35.15 20.71
N LEU A 248 8.09 34.84 21.78
CA LEU A 248 7.72 33.47 22.04
C LEU A 248 6.24 33.25 21.80
N ILE A 249 5.93 32.38 20.85
CA ILE A 249 4.54 32.03 20.58
C ILE A 249 4.42 30.75 21.38
N ALA A 250 4.13 30.91 22.66
CA ALA A 250 4.03 29.82 23.62
C ALA A 250 3.00 28.71 23.36
N PRO A 251 3.28 27.52 23.89
CA PRO A 251 2.35 26.42 23.70
C PRO A 251 1.14 26.67 24.58
N TRP A 252 -0.05 26.45 24.03
CA TRP A 252 -1.28 26.61 24.79
C TRP A 252 -1.75 25.16 25.03
N TYR A 253 -1.92 24.42 23.94
CA TYR A 253 -2.32 23.01 24.00
C TYR A 253 -1.24 22.08 23.45
N ALA A 254 -1.02 20.94 24.10
CA ALA A 254 -0.06 19.95 23.66
C ALA A 254 -0.82 18.66 23.52
N PHE A 255 -0.24 17.64 22.89
CA PHE A 255 -0.93 16.38 22.71
C PHE A 255 -0.26 15.22 23.42
N ALA A 256 -1.05 14.45 24.15
CA ALA A 256 -0.53 13.28 24.86
C ALA A 256 -0.86 12.10 23.96
N LEU A 257 0.14 11.47 23.38
CA LEU A 257 -0.12 10.37 22.48
C LEU A 257 0.64 9.10 22.75
N ASN A 258 0.19 8.04 22.06
CA ASN A 258 0.78 6.72 22.15
C ASN A 258 1.05 6.18 20.75
N LYS A 259 2.29 6.31 20.30
CA LYS A 259 2.68 5.84 18.98
C LYS A 259 2.95 4.34 19.04
N GLY A 260 2.37 3.58 18.10
CA GLY A 260 2.59 2.14 18.07
C GLY A 260 3.61 1.77 17.01
N SER A 261 3.37 2.27 15.80
CA SER A 261 4.26 2.04 14.65
C SER A 261 4.25 3.31 13.83
N ASP A 262 4.43 3.17 12.52
CA ASP A 262 4.41 4.32 11.64
C ASP A 262 4.02 3.92 10.23
N SER A 263 3.02 4.61 9.69
CA SER A 263 2.57 4.35 8.34
C SER A 263 2.93 5.59 7.52
N GLY A 264 1.92 6.24 6.95
CA GLY A 264 2.20 7.41 6.15
C GLY A 264 1.00 8.30 5.92
N ILE A 265 1.12 9.17 4.92
CA ILE A 265 0.05 10.09 4.60
C ILE A 265 -0.47 9.88 3.20
N ILE A 266 -1.66 9.28 3.09
CA ILE A 266 -2.28 9.08 1.79
C ILE A 266 -2.89 10.40 1.40
N THR A 267 -2.57 10.87 0.22
CA THR A 267 -3.14 12.12 -0.23
C THR A 267 -3.98 11.85 -1.48
N SER A 268 -5.30 11.84 -1.31
CA SER A 268 -6.24 11.58 -2.40
C SER A 268 -7.62 12.16 -2.11
N ASP A 269 -8.37 12.44 -3.17
CA ASP A 269 -9.70 12.99 -3.04
C ASP A 269 -10.77 11.89 -3.09
N ALA A 270 -10.35 10.64 -2.89
CA ALA A 270 -11.27 9.51 -2.92
C ALA A 270 -12.07 9.43 -1.62
N PRO A 271 -13.33 8.98 -1.71
CA PRO A 271 -14.25 8.83 -0.58
C PRO A 271 -13.77 7.87 0.49
N VAL A 272 -14.10 8.18 1.73
CA VAL A 272 -13.70 7.36 2.87
C VAL A 272 -14.92 6.58 3.34
N HIS A 273 -14.80 5.26 3.45
CA HIS A 273 -15.92 4.45 3.91
C HIS A 273 -15.49 3.48 5.00
N ASN A 274 -16.48 2.83 5.62
CA ASN A 274 -16.22 1.91 6.72
C ASN A 274 -15.66 0.54 6.31
N CYS A 275 -15.11 0.47 5.10
CA CYS A 275 -14.54 -0.79 4.63
C CYS A 275 -13.20 -1.03 5.34
N ASP A 276 -12.61 -2.20 5.12
CA ASP A 276 -11.34 -2.52 5.73
C ASP A 276 -10.32 -2.85 4.65
N THR A 277 -9.09 -3.19 5.04
CA THR A 277 -8.04 -3.49 4.07
C THR A 277 -6.68 -3.73 4.72
N LYS A 278 -5.84 -4.56 4.11
CA LYS A 278 -4.51 -4.84 4.62
C LYS A 278 -3.53 -3.94 3.86
N CYS A 279 -3.94 -3.52 2.66
CA CYS A 279 -3.13 -2.64 1.83
C CYS A 279 -3.97 -1.50 1.27
N GLN A 280 -3.55 -0.25 1.52
CA GLN A 280 -4.28 0.93 1.03
C GLN A 280 -3.44 1.79 0.07
N THR A 281 -4.11 2.39 -0.92
CA THR A 281 -3.43 3.24 -1.90
C THR A 281 -4.27 4.50 -2.17
N PRO A 282 -3.69 5.49 -2.87
CA PRO A 282 -4.40 6.74 -3.19
C PRO A 282 -5.68 6.61 -4.00
N HIS A 283 -5.71 5.65 -4.93
CA HIS A 283 -6.91 5.46 -5.74
C HIS A 283 -7.97 4.64 -5.03
N GLY A 284 -7.54 3.77 -4.13
CA GLY A 284 -8.48 2.95 -3.39
C GLY A 284 -7.78 1.79 -2.71
N ALA A 285 -8.57 0.94 -2.06
CA ALA A 285 -8.03 -0.22 -1.37
C ALA A 285 -7.64 -1.28 -2.40
N ILE A 286 -6.56 -1.99 -2.12
CA ILE A 286 -6.07 -3.05 -3.01
C ILE A 286 -6.17 -4.37 -2.27
N ASN A 287 -6.28 -5.46 -3.02
CA ASN A 287 -6.36 -6.79 -2.45
C ASN A 287 -4.93 -7.24 -2.13
N SER A 288 -4.75 -7.98 -1.04
CA SER A 288 -3.43 -8.47 -0.64
C SER A 288 -3.28 -9.97 -0.87
N THR A 289 -3.94 -10.49 -1.91
CA THR A 289 -3.89 -11.91 -2.23
C THR A 289 -2.83 -12.26 -3.27
N LEU A 290 -2.80 -11.50 -4.36
CA LEU A 290 -1.83 -11.76 -5.41
C LEU A 290 -0.45 -11.22 -5.06
N PRO A 291 0.60 -11.83 -5.62
CA PRO A 291 1.98 -11.40 -5.35
C PRO A 291 2.39 -10.07 -6.00
N PHE A 292 1.59 -9.56 -6.94
CA PHE A 292 1.92 -8.30 -7.60
C PHE A 292 0.70 -7.42 -7.85
N GLN A 293 0.96 -6.12 -7.96
CA GLN A 293 -0.10 -5.13 -8.20
C GLN A 293 0.43 -4.01 -9.10
N ASN A 294 -0.47 -3.33 -9.80
CA ASN A 294 -0.09 -2.25 -10.70
C ASN A 294 -1.01 -1.04 -10.53
N VAL A 295 -1.73 -1.01 -9.42
CA VAL A 295 -2.67 0.07 -9.12
C VAL A 295 -2.00 1.38 -8.71
N HIS A 296 -0.85 1.32 -8.02
CA HIS A 296 -0.14 2.51 -7.56
C HIS A 296 1.20 2.20 -6.88
N PRO A 297 2.28 2.92 -7.26
CA PRO A 297 3.60 2.67 -6.66
C PRO A 297 3.62 2.95 -5.16
N ILE A 298 2.81 3.93 -4.75
CA ILE A 298 2.72 4.35 -3.35
C ILE A 298 1.58 3.66 -2.61
N THR A 299 1.94 2.83 -1.64
CA THR A 299 0.96 2.09 -0.88
C THR A 299 1.30 2.02 0.61
N ILE A 300 0.29 1.76 1.45
CA ILE A 300 0.49 1.65 2.90
C ILE A 300 -0.07 0.33 3.44
N GLY A 301 0.77 -0.40 4.17
CA GLY A 301 0.36 -1.67 4.75
C GLY A 301 1.15 -2.83 4.17
N GLU A 302 0.59 -4.04 4.24
CA GLU A 302 1.23 -5.22 3.68
C GLU A 302 0.66 -5.29 2.28
N CYS A 303 1.48 -4.93 1.30
CA CYS A 303 1.03 -4.87 -0.07
C CYS A 303 1.73 -5.78 -1.05
N PRO A 304 1.12 -5.95 -2.24
CA PRO A 304 1.65 -6.78 -3.32
C PRO A 304 2.73 -5.95 -4.02
N LYS A 305 3.88 -6.54 -4.32
CA LYS A 305 4.96 -5.80 -4.99
C LYS A 305 4.47 -5.08 -6.25
N TYR A 306 4.65 -3.76 -6.28
CA TYR A 306 4.22 -2.97 -7.42
C TYR A 306 5.06 -3.24 -8.66
N VAL A 307 4.39 -3.40 -9.80
CA VAL A 307 5.08 -3.67 -11.07
C VAL A 307 4.46 -2.88 -12.22
N LYS A 308 5.27 -2.64 -13.25
CA LYS A 308 4.82 -1.92 -14.43
C LYS A 308 3.99 -2.82 -15.36
N SER A 309 3.85 -4.09 -15.00
CA SER A 309 3.09 -5.02 -15.84
C SER A 309 1.61 -4.66 -15.95
N THR A 310 0.99 -5.13 -17.03
CA THR A 310 -0.42 -4.88 -17.27
C THR A 310 -1.08 -6.24 -17.31
N LYS A 311 -0.27 -7.27 -17.58
CA LYS A 311 -0.73 -8.65 -17.65
C LYS A 311 0.28 -9.67 -17.12
N LEU A 312 -0.12 -10.37 -16.07
CA LEU A 312 0.69 -11.43 -15.48
C LEU A 312 -0.27 -12.59 -15.24
N ARG A 313 -0.66 -13.24 -16.34
CA ARG A 313 -1.60 -14.36 -16.27
C ARG A 313 -0.86 -15.68 -16.34
N MET A 314 -1.19 -16.57 -15.42
CA MET A 314 -0.56 -17.86 -15.31
C MET A 314 -1.46 -19.00 -15.82
N ALA A 315 -0.91 -19.88 -16.64
CA ALA A 315 -1.69 -20.98 -17.15
C ALA A 315 -1.84 -22.04 -16.06
N THR A 316 -2.99 -22.68 -16.01
CA THR A 316 -3.23 -23.74 -15.05
C THR A 316 -3.72 -24.95 -15.84
N GLY A 317 -4.47 -24.68 -16.92
CA GLY A 317 -4.97 -25.73 -17.78
C GLY A 317 -4.03 -25.89 -18.96
N LEU A 318 -4.43 -26.68 -19.95
CA LEU A 318 -3.61 -26.92 -21.14
C LEU A 318 -4.06 -26.05 -22.30
N ARG A 319 -3.28 -26.04 -23.38
CA ARG A 319 -3.63 -25.25 -24.56
C ARG A 319 -5.05 -25.60 -24.97
N ASN A 320 -5.80 -24.63 -25.46
CA ASN A 320 -7.17 -24.87 -25.87
C ASN A 320 -7.26 -25.00 -27.39
N ILE A 321 -7.58 -26.21 -27.85
CA ILE A 321 -7.67 -26.50 -29.27
C ILE A 321 -8.96 -27.28 -29.52
N PRO A 322 -10.12 -26.58 -29.52
CA PRO A 322 -11.42 -27.22 -29.74
C PRO A 322 -11.67 -27.69 -31.18
N SER A 323 -12.75 -27.18 -31.77
CA SER A 323 -13.13 -27.54 -33.12
C SER A 323 -13.45 -29.04 -33.18
N ILE A 324 -14.73 -29.34 -33.38
CA ILE A 324 -15.21 -30.72 -33.47
C ILE A 324 -15.50 -31.08 -34.93
N GLY B 1 3.85 -30.61 -27.97
CA GLY B 1 4.64 -29.51 -27.32
C GLY B 1 6.10 -29.93 -27.21
N LEU B 2 6.59 -30.07 -25.99
CA LEU B 2 7.96 -30.49 -25.78
C LEU B 2 7.97 -32.03 -25.81
N PHE B 3 6.81 -32.63 -25.55
CA PHE B 3 6.66 -34.08 -25.55
C PHE B 3 5.82 -34.56 -26.73
N GLY B 4 5.71 -33.73 -27.77
CA GLY B 4 4.98 -34.08 -28.97
C GLY B 4 3.52 -34.49 -28.91
N ALA B 5 2.95 -34.66 -27.73
CA ALA B 5 1.54 -35.08 -27.65
C ALA B 5 0.53 -33.96 -27.96
N MET B 6 0.56 -32.87 -27.20
CA MET B 6 -0.38 -31.77 -27.42
C MET B 6 -0.17 -31.09 -28.72
N ALA B 7 -1.27 -30.73 -29.37
CA ALA B 7 -1.21 -30.03 -30.63
C ALA B 7 -0.03 -30.59 -31.40
N GLY B 8 0.19 -31.89 -31.22
CA GLY B 8 1.28 -32.57 -31.88
C GLY B 8 0.73 -33.79 -32.57
N PHE B 9 1.04 -34.98 -32.06
CA PHE B 9 0.53 -36.19 -32.69
C PHE B 9 -0.90 -36.45 -32.25
N ILE B 10 -1.43 -35.55 -31.44
CA ILE B 10 -2.82 -35.60 -30.97
C ILE B 10 -3.16 -34.14 -31.10
N GLU B 11 -3.14 -33.68 -32.34
CA GLU B 11 -3.38 -32.28 -32.69
C GLU B 11 -4.62 -31.55 -32.16
N GLY B 12 -5.60 -32.27 -31.64
CA GLY B 12 -6.77 -31.57 -31.17
C GLY B 12 -7.25 -31.89 -29.76
N GLY B 13 -8.06 -31.00 -29.20
CA GLY B 13 -8.59 -31.22 -27.87
C GLY B 13 -10.02 -31.71 -27.93
N TRP B 14 -10.49 -32.29 -26.83
CA TRP B 14 -11.84 -32.82 -26.80
C TRP B 14 -12.80 -31.97 -26.02
N THR B 15 -13.66 -31.29 -26.75
CA THR B 15 -14.68 -30.48 -26.12
C THR B 15 -15.62 -31.44 -25.41
N GLY B 16 -15.75 -32.64 -25.98
CA GLY B 16 -16.60 -33.66 -25.41
C GLY B 16 -16.21 -34.14 -24.03
N MET B 17 -14.91 -34.30 -23.79
CA MET B 17 -14.47 -34.75 -22.48
C MET B 17 -14.60 -33.56 -21.53
N ILE B 18 -15.54 -33.68 -20.60
CA ILE B 18 -15.80 -32.58 -19.66
C ILE B 18 -15.58 -32.90 -18.18
N ASP B 19 -15.04 -34.07 -17.87
CA ASP B 19 -14.83 -34.43 -16.47
C ASP B 19 -13.36 -34.51 -16.05
N GLY B 20 -12.44 -34.04 -16.91
CA GLY B 20 -11.02 -34.09 -16.58
C GLY B 20 -10.14 -33.45 -17.63
N TRP B 21 -8.84 -33.37 -17.36
CA TRP B 21 -7.90 -32.76 -18.29
C TRP B 21 -7.37 -33.68 -19.37
N TYR B 22 -7.03 -34.90 -18.97
CA TYR B 22 -6.51 -35.90 -19.87
C TYR B 22 -7.44 -37.09 -19.76
N GLY B 23 -7.60 -37.84 -20.85
CA GLY B 23 -8.48 -38.99 -20.75
C GLY B 23 -8.64 -39.78 -22.02
N TYR B 24 -9.72 -40.56 -22.05
CA TYR B 24 -9.99 -41.42 -23.18
C TYR B 24 -11.27 -41.17 -23.92
N HIS B 25 -11.38 -41.85 -25.05
CA HIS B 25 -12.56 -41.86 -25.89
C HIS B 25 -12.54 -43.21 -26.55
N HIS B 26 -13.60 -43.97 -26.38
CA HIS B 26 -13.65 -45.30 -26.97
C HIS B 26 -14.77 -45.36 -27.98
N GLN B 27 -14.74 -46.43 -28.76
CA GLN B 27 -15.76 -46.69 -29.77
C GLN B 27 -15.77 -48.19 -30.04
N ASN B 28 -16.84 -48.85 -29.61
CA ASN B 28 -17.00 -50.29 -29.84
C ASN B 28 -18.45 -50.52 -30.23
N GLU B 29 -18.75 -51.72 -30.72
CA GLU B 29 -20.11 -52.07 -31.12
C GLU B 29 -21.19 -51.65 -30.13
N GLN B 30 -20.83 -51.52 -28.86
CA GLN B 30 -21.80 -51.17 -27.84
C GLN B 30 -22.12 -49.69 -27.69
N GLY B 31 -21.26 -48.83 -28.21
CA GLY B 31 -21.47 -47.40 -28.09
C GLY B 31 -20.15 -46.68 -27.98
N SER B 32 -20.17 -45.37 -27.71
CA SER B 32 -18.94 -44.61 -27.59
C SER B 32 -19.02 -43.52 -26.51
N GLY B 33 -17.97 -42.71 -26.43
CA GLY B 33 -17.97 -41.64 -25.45
C GLY B 33 -16.62 -41.39 -24.81
N TYR B 34 -16.59 -40.36 -23.97
CA TYR B 34 -15.38 -39.98 -23.28
C TYR B 34 -15.40 -40.34 -21.80
N ALA B 35 -14.20 -40.47 -21.24
CA ALA B 35 -14.01 -40.79 -19.83
C ALA B 35 -12.65 -40.25 -19.46
N ALA B 36 -12.64 -39.19 -18.67
CA ALA B 36 -11.40 -38.58 -18.24
C ALA B 36 -10.69 -39.55 -17.31
N ASP B 37 -9.36 -39.59 -17.39
CA ASP B 37 -8.59 -40.46 -16.51
C ASP B 37 -8.56 -39.70 -15.19
N GLN B 38 -9.26 -40.21 -14.19
CA GLN B 38 -9.30 -39.49 -12.92
C GLN B 38 -8.00 -39.35 -12.16
N LYS B 39 -7.19 -40.38 -12.13
CA LYS B 39 -5.93 -40.30 -11.41
C LYS B 39 -4.98 -39.21 -11.92
N SER B 40 -4.53 -39.32 -13.17
CA SER B 40 -3.60 -38.34 -13.74
C SER B 40 -4.17 -36.93 -13.75
N THR B 41 -5.49 -36.82 -13.80
CA THR B 41 -6.14 -35.51 -13.79
C THR B 41 -6.05 -34.95 -12.37
N GLN B 42 -6.37 -35.78 -11.39
CA GLN B 42 -6.31 -35.35 -10.00
C GLN B 42 -4.91 -34.92 -9.66
N ASN B 43 -3.95 -35.81 -9.90
CA ASN B 43 -2.54 -35.52 -9.64
C ASN B 43 -2.10 -34.24 -10.33
N ALA B 44 -2.54 -34.02 -11.56
CA ALA B 44 -2.16 -32.81 -12.29
C ALA B 44 -2.71 -31.60 -11.57
N ILE B 45 -3.95 -31.70 -11.11
CA ILE B 45 -4.58 -30.60 -10.39
C ILE B 45 -3.82 -30.31 -9.11
N ASP B 46 -3.59 -31.34 -8.31
CA ASP B 46 -2.86 -31.14 -7.08
C ASP B 46 -1.57 -30.39 -7.36
N GLY B 47 -0.86 -30.80 -8.41
CA GLY B 47 0.40 -30.15 -8.77
C GLY B 47 0.28 -28.72 -9.22
N ILE B 48 -0.65 -28.45 -10.13
CA ILE B 48 -0.84 -27.08 -10.61
C ILE B 48 -1.33 -26.22 -9.45
N THR B 49 -2.18 -26.78 -8.60
CA THR B 49 -2.71 -26.06 -7.44
C THR B 49 -1.54 -25.69 -6.54
N ASN B 50 -0.78 -26.71 -6.17
CA ASN B 50 0.37 -26.51 -5.31
C ASN B 50 1.35 -25.50 -5.93
N LYS B 51 1.50 -25.54 -7.24
CA LYS B 51 2.39 -24.63 -7.96
C LYS B 51 1.93 -23.18 -7.87
N VAL B 52 0.64 -22.95 -8.08
CA VAL B 52 0.13 -21.58 -8.00
C VAL B 52 0.30 -21.12 -6.57
N ASN B 53 0.00 -21.97 -5.61
CA ASN B 53 0.15 -21.59 -4.22
C ASN B 53 1.57 -21.12 -3.95
N SER B 54 2.58 -21.93 -4.30
CA SER B 54 3.96 -21.52 -4.08
C SER B 54 4.24 -20.10 -4.57
N ILE B 55 3.91 -19.84 -5.84
CA ILE B 55 4.12 -18.53 -6.45
C ILE B 55 3.44 -17.40 -5.68
N ILE B 56 2.39 -17.74 -4.96
CA ILE B 56 1.66 -16.74 -4.19
C ILE B 56 2.11 -16.78 -2.72
N GLU B 57 2.13 -17.98 -2.14
CA GLU B 57 2.52 -18.14 -0.73
C GLU B 57 3.94 -17.65 -0.44
N LYS B 58 4.89 -17.94 -1.31
CA LYS B 58 6.28 -17.54 -1.09
C LYS B 58 6.56 -16.03 -1.16
N MET B 59 5.53 -15.25 -1.47
CA MET B 59 5.70 -13.80 -1.55
C MET B 59 5.46 -13.16 -0.18
N ASN B 60 6.56 -12.86 0.51
CA ASN B 60 6.52 -12.25 1.84
C ASN B 60 6.47 -10.73 1.74
N THR B 61 5.65 -10.11 2.58
CA THR B 61 5.53 -8.67 2.58
C THR B 61 5.25 -8.18 3.99
N GLN B 62 6.02 -7.21 4.45
CA GLN B 62 5.80 -6.67 5.78
C GLN B 62 5.05 -5.35 5.65
N PHE B 63 4.55 -4.86 6.77
CA PHE B 63 3.83 -3.60 6.77
C PHE B 63 4.78 -2.49 6.37
N THR B 64 4.55 -1.86 5.22
CA THR B 64 5.41 -0.79 4.74
C THR B 64 4.63 0.39 4.24
N ALA B 65 5.24 1.57 4.35
CA ALA B 65 4.66 2.81 3.86
C ALA B 65 5.69 3.31 2.85
N VAL B 66 5.43 3.05 1.57
CA VAL B 66 6.36 3.41 0.51
C VAL B 66 6.72 4.90 0.41
N GLY B 67 5.73 5.77 0.40
CA GLY B 67 5.98 7.21 0.28
C GLY B 67 6.92 7.86 1.28
N LYS B 68 7.52 8.99 0.91
CA LYS B 68 8.45 9.64 1.83
C LYS B 68 8.39 11.14 2.19
N GLU B 69 8.30 12.04 1.22
CA GLU B 69 8.27 13.48 1.56
C GLU B 69 9.65 14.04 1.96
N PHE B 70 10.27 14.76 1.03
CA PHE B 70 11.57 15.39 1.24
C PHE B 70 11.46 16.85 0.79
N ASN B 71 12.07 17.77 1.52
CA ASN B 71 11.96 19.18 1.13
C ASN B 71 13.00 19.59 0.12
N ASN B 72 12.76 20.73 -0.53
CA ASN B 72 13.62 21.25 -1.59
C ASN B 72 15.12 21.29 -1.33
N LEU B 73 15.57 21.03 -0.11
CA LEU B 73 17.01 21.00 0.15
C LEU B 73 17.46 19.57 0.47
N GLU B 74 16.63 18.61 0.08
CA GLU B 74 16.89 17.17 0.27
C GLU B 74 16.68 16.39 -1.04
N ARG B 75 17.00 17.03 -2.16
CA ARG B 75 16.88 16.43 -3.48
C ARG B 75 17.73 15.15 -3.61
N ARG B 76 18.93 15.15 -3.02
CA ARG B 76 19.78 13.97 -3.13
C ARG B 76 19.19 12.74 -2.47
N ILE B 77 18.75 12.83 -1.22
CA ILE B 77 18.17 11.63 -0.62
C ILE B 77 16.81 11.34 -1.22
N GLU B 78 16.15 12.36 -1.77
CA GLU B 78 14.87 12.13 -2.40
C GLU B 78 15.13 11.29 -3.65
N ASN B 79 16.21 11.58 -4.36
CA ASN B 79 16.56 10.82 -5.56
C ASN B 79 17.07 9.43 -5.19
N LEU B 80 17.58 9.29 -3.98
CA LEU B 80 18.08 8.00 -3.51
C LEU B 80 16.83 7.16 -3.23
N ASN B 81 15.85 7.78 -2.59
CA ASN B 81 14.60 7.10 -2.27
C ASN B 81 14.01 6.63 -3.60
N LYS B 82 14.06 7.51 -4.60
CA LYS B 82 13.57 7.22 -5.94
C LYS B 82 14.28 5.99 -6.49
N LYS B 83 15.61 6.04 -6.48
CA LYS B 83 16.45 4.95 -6.97
C LYS B 83 16.04 3.62 -6.34
N VAL B 84 15.72 3.66 -5.05
CA VAL B 84 15.30 2.45 -4.34
C VAL B 84 13.96 1.99 -4.88
N ASP B 85 13.00 2.89 -4.96
CA ASP B 85 11.68 2.55 -5.49
C ASP B 85 11.76 2.05 -6.93
N ASP B 86 12.41 2.79 -7.81
CA ASP B 86 12.53 2.36 -9.18
C ASP B 86 13.31 1.05 -9.22
N GLY B 87 14.31 0.95 -8.35
CA GLY B 87 15.14 -0.24 -8.32
C GLY B 87 14.35 -1.51 -8.05
N PHE B 88 13.62 -1.55 -6.95
CA PHE B 88 12.85 -2.72 -6.59
C PHE B 88 11.75 -2.98 -7.60
N LEU B 89 11.12 -1.91 -8.04
CA LEU B 89 10.02 -2.01 -8.98
C LEU B 89 10.48 -2.37 -10.39
N ASP B 90 11.79 -2.51 -10.55
CA ASP B 90 12.37 -2.90 -11.83
C ASP B 90 12.72 -4.36 -11.68
N VAL B 91 13.16 -4.71 -10.47
CA VAL B 91 13.50 -6.08 -10.15
C VAL B 91 12.21 -6.91 -10.14
N TRP B 92 11.17 -6.42 -9.47
CA TRP B 92 9.92 -7.19 -9.43
C TRP B 92 9.16 -7.24 -10.76
N THR B 93 9.43 -6.29 -11.64
CA THR B 93 8.76 -6.27 -12.93
C THR B 93 9.37 -7.30 -13.87
N TYR B 94 10.71 -7.33 -13.89
CA TYR B 94 11.44 -8.26 -14.75
C TYR B 94 11.25 -9.66 -14.23
N ASN B 95 11.32 -9.81 -12.91
CA ASN B 95 11.16 -11.11 -12.29
C ASN B 95 9.77 -11.69 -12.48
N ALA B 96 8.74 -10.94 -12.11
CA ALA B 96 7.37 -11.41 -12.25
C ALA B 96 7.08 -11.75 -13.70
N GLU B 97 7.43 -10.83 -14.59
CA GLU B 97 7.20 -11.04 -16.01
C GLU B 97 7.80 -12.37 -16.49
N LEU B 98 9.07 -12.63 -16.15
CA LEU B 98 9.71 -13.87 -16.57
C LEU B 98 9.27 -15.09 -15.77
N LEU B 99 8.94 -14.91 -14.50
CA LEU B 99 8.50 -16.05 -13.69
C LEU B 99 7.27 -16.65 -14.34
N VAL B 100 6.37 -15.80 -14.81
CA VAL B 100 5.18 -16.28 -15.47
C VAL B 100 5.58 -16.93 -16.79
N LEU B 101 6.18 -16.16 -17.68
CA LEU B 101 6.60 -16.68 -18.98
C LEU B 101 7.26 -18.05 -18.86
N LEU B 102 8.22 -18.16 -17.96
CA LEU B 102 8.93 -19.41 -17.77
C LEU B 102 8.03 -20.49 -17.17
N GLU B 103 7.26 -20.17 -16.14
CA GLU B 103 6.37 -21.16 -15.53
C GLU B 103 5.21 -21.56 -16.43
N ASN B 104 4.86 -20.70 -17.38
CA ASN B 104 3.77 -21.03 -18.29
C ASN B 104 4.27 -22.09 -19.24
N GLU B 105 5.49 -21.92 -19.73
CA GLU B 105 6.10 -22.86 -20.64
C GLU B 105 6.16 -24.21 -19.94
N ARG B 106 6.48 -24.18 -18.64
CA ARG B 106 6.60 -25.38 -17.82
C ARG B 106 5.26 -26.07 -17.55
N THR B 107 4.19 -25.29 -17.44
CA THR B 107 2.89 -25.89 -17.17
C THR B 107 2.33 -26.56 -18.40
N LEU B 108 2.51 -25.94 -19.56
CA LEU B 108 2.02 -26.54 -20.79
C LEU B 108 2.80 -27.82 -21.06
N ASP B 109 4.13 -27.77 -20.93
CA ASP B 109 4.95 -28.96 -21.14
C ASP B 109 4.44 -30.04 -20.22
N PHE B 110 4.28 -29.67 -18.95
CA PHE B 110 3.79 -30.60 -17.94
C PHE B 110 2.54 -31.33 -18.45
N HIS B 111 1.55 -30.58 -18.90
CA HIS B 111 0.32 -31.18 -19.41
C HIS B 111 0.64 -32.11 -20.58
N ASP B 112 1.44 -31.61 -21.52
CA ASP B 112 1.84 -32.38 -22.68
C ASP B 112 2.49 -33.69 -22.24
N SER B 113 3.38 -33.59 -21.28
CA SER B 113 4.05 -34.77 -20.72
C SER B 113 3.03 -35.73 -20.12
N ASN B 114 2.02 -35.22 -19.46
CA ASN B 114 1.01 -36.09 -18.85
C ASN B 114 0.21 -36.87 -19.87
N VAL B 115 -0.05 -36.23 -21.01
CA VAL B 115 -0.80 -36.85 -22.09
C VAL B 115 0.07 -37.92 -22.73
N ARG B 116 1.32 -37.58 -23.01
CA ARG B 116 2.22 -38.55 -23.63
C ARG B 116 2.45 -39.76 -22.74
N ASN B 117 2.47 -39.58 -21.43
CA ASN B 117 2.68 -40.72 -20.54
C ASN B 117 1.45 -41.59 -20.45
N LEU B 118 0.29 -40.98 -20.69
CA LEU B 118 -0.97 -41.70 -20.64
C LEU B 118 -1.08 -42.55 -21.90
N TYR B 119 -0.87 -41.90 -23.04
CA TYR B 119 -0.90 -42.57 -24.34
C TYR B 119 0.10 -43.71 -24.29
N GLU B 120 1.25 -43.47 -23.66
CA GLU B 120 2.28 -44.50 -23.55
C GLU B 120 1.88 -45.56 -22.54
N LYS B 121 1.14 -45.15 -21.51
CA LYS B 121 0.69 -46.09 -20.50
C LYS B 121 -0.20 -47.13 -21.18
N VAL B 122 -0.98 -46.68 -22.14
CA VAL B 122 -1.88 -47.56 -22.87
C VAL B 122 -1.13 -48.38 -23.93
N LYS B 123 -0.31 -47.73 -24.75
CA LYS B 123 0.44 -48.46 -25.78
C LYS B 123 1.10 -49.68 -25.17
N SER B 124 1.52 -49.54 -23.92
CA SER B 124 2.17 -50.62 -23.20
C SER B 124 1.30 -51.84 -23.04
N GLN B 125 0.12 -51.65 -22.48
CA GLN B 125 -0.81 -52.77 -22.28
C GLN B 125 -1.24 -53.46 -23.57
N LEU B 126 -1.68 -52.68 -24.55
CA LEU B 126 -2.15 -53.23 -25.81
C LEU B 126 -1.11 -53.97 -26.66
N ARG B 127 0.15 -53.53 -26.62
CA ARG B 127 1.21 -54.20 -27.38
C ARG B 127 0.78 -54.61 -28.79
N ASN B 128 0.73 -55.91 -28.99
CA ASN B 128 0.35 -56.54 -30.27
C ASN B 128 -1.13 -56.55 -30.56
N ASN B 129 -1.93 -56.43 -29.52
CA ASN B 129 -3.38 -56.49 -29.64
C ASN B 129 -4.09 -55.24 -30.15
N ALA B 130 -3.35 -54.34 -30.78
CA ALA B 130 -3.97 -53.14 -31.31
C ALA B 130 -2.98 -52.51 -32.25
N LYS B 131 -3.46 -51.72 -33.19
CA LYS B 131 -2.58 -51.06 -34.13
C LYS B 131 -2.63 -49.56 -33.86
N GLU B 132 -1.48 -48.91 -33.88
CA GLU B 132 -1.44 -47.49 -33.63
C GLU B 132 -1.75 -46.65 -34.85
N ILE B 133 -2.73 -45.77 -34.72
CA ILE B 133 -3.10 -44.86 -35.79
C ILE B 133 -2.53 -43.54 -35.27
N GLY B 134 -1.50 -43.02 -35.92
CA GLY B 134 -0.87 -41.80 -35.45
C GLY B 134 -1.75 -40.60 -35.12
N ASN B 135 -2.60 -40.73 -34.11
CA ASN B 135 -3.49 -39.65 -33.72
C ASN B 135 -3.89 -39.82 -32.26
N GLY B 136 -3.18 -40.69 -31.56
CA GLY B 136 -3.46 -40.93 -30.16
C GLY B 136 -4.54 -41.98 -30.02
N CYS B 137 -4.77 -42.73 -31.09
CA CYS B 137 -5.78 -43.76 -31.08
C CYS B 137 -5.24 -45.16 -31.27
N PHE B 138 -5.93 -46.12 -30.67
CA PHE B 138 -5.55 -47.51 -30.80
C PHE B 138 -6.76 -48.27 -31.33
N GLU B 139 -6.50 -49.20 -32.25
CA GLU B 139 -7.56 -50.01 -32.83
C GLU B 139 -7.29 -51.44 -32.47
N PHE B 140 -8.07 -51.98 -31.53
CA PHE B 140 -7.89 -53.34 -31.09
C PHE B 140 -8.00 -54.32 -32.26
N TYR B 141 -7.08 -55.27 -32.32
CA TYR B 141 -7.10 -56.27 -33.37
C TYR B 141 -8.22 -57.24 -33.03
N HIS B 142 -8.81 -57.06 -31.85
CA HIS B 142 -9.91 -57.91 -31.40
C HIS B 142 -11.12 -57.06 -30.99
N LYS B 143 -12.12 -57.71 -30.43
CA LYS B 143 -13.32 -57.01 -29.98
C LYS B 143 -13.06 -56.66 -28.52
N CYS B 144 -13.38 -55.42 -28.17
CA CYS B 144 -13.18 -54.93 -26.82
C CYS B 144 -14.46 -54.26 -26.33
N ASP B 145 -15.23 -54.99 -25.53
CA ASP B 145 -16.49 -54.50 -24.98
C ASP B 145 -16.25 -53.43 -23.93
N ASP B 146 -17.31 -53.01 -23.25
CA ASP B 146 -17.17 -51.98 -22.23
C ASP B 146 -16.30 -52.40 -21.05
N GLU B 147 -16.39 -53.66 -20.65
CA GLU B 147 -15.56 -54.13 -19.55
C GLU B 147 -14.11 -54.06 -20.00
N CYS B 148 -13.85 -54.53 -21.21
CA CYS B 148 -12.51 -54.49 -21.78
C CYS B 148 -12.01 -53.04 -21.92
N MET B 149 -12.90 -52.14 -22.34
CA MET B 149 -12.52 -50.74 -22.49
C MET B 149 -12.17 -50.24 -21.11
N GLU B 150 -12.98 -50.63 -20.14
CA GLU B 150 -12.75 -50.24 -18.77
C GLU B 150 -11.38 -50.74 -18.31
N SER B 151 -11.13 -52.03 -18.50
CA SER B 151 -9.88 -52.66 -18.09
C SER B 151 -8.64 -51.86 -18.46
N VAL B 152 -8.57 -51.38 -19.70
CA VAL B 152 -7.40 -50.60 -20.13
C VAL B 152 -7.38 -49.25 -19.40
N LYS B 153 -8.55 -48.67 -19.18
CA LYS B 153 -8.62 -47.39 -18.48
C LYS B 153 -8.06 -47.54 -17.06
N ASN B 154 -8.54 -48.55 -16.32
CA ASN B 154 -8.07 -48.77 -14.96
C ASN B 154 -6.79 -49.62 -14.96
N GLY B 155 -6.05 -49.56 -16.05
CA GLY B 155 -4.80 -50.31 -16.19
C GLY B 155 -4.80 -51.77 -15.77
N THR B 156 -5.56 -52.62 -16.46
CA THR B 156 -5.63 -54.04 -16.12
C THR B 156 -5.93 -54.85 -17.37
N TYR B 157 -5.52 -54.33 -18.52
CA TYR B 157 -5.74 -54.99 -19.80
C TYR B 157 -4.95 -56.30 -19.91
N ASP B 158 -5.68 -57.37 -20.20
CA ASP B 158 -5.17 -58.73 -20.30
C ASP B 158 -4.12 -59.07 -21.36
N TYR B 159 -3.79 -60.37 -21.42
CA TYR B 159 -2.80 -60.94 -22.33
C TYR B 159 -2.65 -60.20 -23.66
N PRO B 160 -1.53 -59.48 -23.82
CA PRO B 160 -1.17 -58.70 -25.02
C PRO B 160 0.01 -59.26 -25.82
#